data_2WO3
#
_entry.id   2WO3
#
_cell.length_a   115.412
_cell.length_b   115.412
_cell.length_c   59.354
_cell.angle_alpha   90.00
_cell.angle_beta   90.00
_cell.angle_gamma   120.00
#
_symmetry.space_group_name_H-M   'P 64'
#
loop_
_entity.id
_entity.type
_entity.pdbx_description
1 polymer 'EPHRIN TYPE-A RECEPTOR'
2 polymer EPHRIN-A2
3 branched 2-acetamido-2-deoxy-beta-D-glucopyranose-(1-4)-2-acetamido-2-deoxy-beta-D-glucopyranose
4 water water
#
loop_
_entity_poly.entity_id
_entity_poly.type
_entity_poly.pdbx_seq_one_letter_code
_entity_poly.pdbx_strand_id
1 'polypeptide(L)'
;ETGEVTLLDSRSVQGELGWIASPLEGGWEEVSIMDEKNTPIRTYQVCNVMEPSQNNWLRTDWITREGAQRVYIEIKFTLR
DCNSLPGVMGTCKETFNLYYYESDNDKERFIRENQFVKIDTIAADESFTQVDIGDRIMKLNTEIRDVGPLSKKGFYLAFQ
DVGACIALVSVRVFYKRTKHHHHHH
;
A
2 'polypeptide(L)'
;ETGNSDRYAVYWNRSNPRFHAGAGDDGGGYTVEVSINDYLDIYCPHYGAPLPPAERMEHYVLYMVNGEGHASCDHRQRGF
KRWECNRPAAPGGPLKFSEKFQLFTPFSLGFEFRPGHEYYYISATPPNAVDRPCLRLKVYVRPTQETLGTKHHHHHH
;
B
#
# COMPACT_ATOMS: atom_id res chain seq x y z
N THR A 2 -7.00 -28.00 6.00
CA THR A 2 -5.97 -27.34 5.13
C THR A 2 -4.69 -28.17 5.08
N GLY A 3 -4.18 -28.53 6.26
CA GLY A 3 -2.88 -29.20 6.37
C GLY A 3 -1.73 -28.21 6.26
N GLU A 4 -2.07 -26.92 6.20
CA GLU A 4 -1.08 -25.85 6.13
C GLU A 4 -1.16 -25.03 7.42
N VAL A 5 -0.01 -24.79 8.04
CA VAL A 5 0.05 -24.09 9.30
C VAL A 5 0.87 -22.82 9.12
N THR A 6 0.22 -21.69 9.32
CA THR A 6 0.79 -20.38 9.08
C THR A 6 1.87 -20.03 10.08
N LEU A 7 3.01 -19.58 9.56
CA LEU A 7 4.12 -19.06 10.35
C LEU A 7 4.21 -17.54 10.25
N LEU A 8 3.83 -17.01 9.10
CA LEU A 8 3.68 -15.58 8.90
C LEU A 8 2.59 -15.37 7.88
N ASP A 9 1.67 -14.44 8.13
CA ASP A 9 0.75 -13.97 7.08
C ASP A 9 0.68 -12.43 7.10
N SER A 10 1.07 -11.82 5.99
CA SER A 10 1.07 -10.36 5.87
C SER A 10 -0.34 -9.75 6.03
N ARG A 11 -1.38 -10.46 5.59
CA ARG A 11 -2.78 -9.98 5.65
C ARG A 11 -3.39 -9.93 7.06
N SER A 12 -2.91 -10.78 7.94
CA SER A 12 -3.42 -10.87 9.31
C SER A 12 -2.73 -9.86 10.20
N VAL A 13 -1.48 -9.55 9.89
CA VAL A 13 -0.70 -8.54 10.63
C VAL A 13 -1.63 -7.40 11.02
N GLN A 14 -1.58 -7.02 12.29
CA GLN A 14 -2.41 -5.92 12.77
C GLN A 14 -1.67 -4.60 12.54
N GLY A 15 -2.37 -3.65 11.92
CA GLY A 15 -1.82 -2.32 11.66
C GLY A 15 -0.73 -2.34 10.60
N GLU A 16 0.48 -1.94 10.99
CA GLU A 16 1.62 -1.78 10.07
C GLU A 16 2.53 -3.01 10.08
N LEU A 17 3.14 -3.32 8.94
CA LEU A 17 4.12 -4.42 8.84
C LEU A 17 5.47 -3.95 9.38
N GLY A 18 6.14 -4.80 10.18
CA GLY A 18 7.45 -4.44 10.77
C GLY A 18 8.66 -4.59 9.84
N TRP A 19 8.41 -4.51 8.52
CA TRP A 19 9.38 -4.85 7.49
C TRP A 19 10.29 -3.66 7.21
N ILE A 20 11.52 -3.96 6.83
CA ILE A 20 12.53 -2.96 6.61
C ILE A 20 12.77 -2.90 5.11
N ALA A 21 12.71 -1.69 4.58
CA ALA A 21 12.99 -1.46 3.18
C ALA A 21 14.35 -0.78 3.09
N SER A 22 15.18 -1.25 2.17
CA SER A 22 16.45 -0.58 1.86
C SER A 22 16.61 -0.45 0.34
N PRO A 23 16.65 0.78 -0.18
CA PRO A 23 16.59 2.04 0.56
C PRO A 23 15.27 2.30 1.26
N LEU A 24 15.32 3.19 2.25
CA LEU A 24 14.19 3.47 3.11
C LEU A 24 13.05 4.19 2.41
N GLU A 25 13.40 5.05 1.46
CA GLU A 25 12.43 5.80 0.67
C GLU A 25 12.81 5.71 -0.81
N GLY A 26 11.80 5.77 -1.68
CA GLY A 26 12.02 5.73 -3.13
C GLY A 26 12.13 4.33 -3.73
N GLY A 27 12.26 3.31 -2.87
CA GLY A 27 12.27 1.92 -3.30
C GLY A 27 10.92 1.29 -2.99
N TRP A 28 10.92 0.13 -2.34
CA TRP A 28 9.69 -0.49 -1.88
C TRP A 28 8.97 0.43 -0.88
N GLU A 29 7.66 0.57 -1.04
CA GLU A 29 6.90 1.47 -0.20
C GLU A 29 5.56 0.86 0.19
N GLU A 30 5.23 0.99 1.48
CA GLU A 30 4.03 0.42 2.05
C GLU A 30 2.84 1.13 1.42
N VAL A 31 1.86 0.37 0.96
CA VAL A 31 0.63 0.94 0.43
C VAL A 31 -0.58 0.13 0.90
N SER A 32 -1.53 0.81 1.52
CA SER A 32 -2.75 0.18 2.02
C SER A 32 -3.85 0.21 0.96
N ILE A 33 -4.43 -0.96 0.69
CA ILE A 33 -5.45 -1.11 -0.34
C ILE A 33 -6.68 -1.81 0.18
N MET A 34 -7.69 -1.92 -0.68
CA MET A 34 -8.87 -2.75 -0.39
C MET A 34 -8.71 -4.09 -1.09
N ASP A 35 -8.84 -5.18 -0.33
CA ASP A 35 -8.66 -6.54 -0.84
C ASP A 35 -9.93 -7.09 -1.49
N GLU A 36 -9.86 -8.35 -1.91
CA GLU A 36 -11.02 -9.15 -2.35
C GLU A 36 -12.34 -8.67 -1.71
N LYS A 37 -12.38 -8.73 -0.38
CA LYS A 37 -13.61 -8.57 0.40
C LYS A 37 -13.84 -7.10 0.80
N ASN A 38 -13.27 -6.18 0.02
CA ASN A 38 -13.30 -4.75 0.32
C ASN A 38 -12.90 -4.41 1.78
N THR A 39 -11.90 -5.15 2.29
CA THR A 39 -11.32 -4.91 3.61
C THR A 39 -9.83 -4.53 3.43
N PRO A 40 -9.23 -3.85 4.42
CA PRO A 40 -7.90 -3.29 4.18
C PRO A 40 -6.74 -4.26 4.41
N ILE A 41 -5.79 -4.25 3.48
CA ILE A 41 -4.51 -4.91 3.68
C ILE A 41 -3.35 -4.02 3.31
N ARG A 42 -2.20 -4.37 3.87
CA ARG A 42 -0.97 -3.62 3.68
C ARG A 42 -0.13 -4.31 2.63
N THR A 43 0.33 -3.55 1.64
CA THR A 43 1.08 -4.12 0.53
C THR A 43 2.36 -3.33 0.40
N TYR A 44 3.35 -3.92 -0.26
CA TYR A 44 4.54 -3.17 -0.64
C TYR A 44 4.65 -3.12 -2.16
N GLN A 45 5.06 -1.98 -2.67
CA GLN A 45 5.01 -1.71 -4.10
C GLN A 45 6.22 -0.90 -4.56
N VAL A 46 6.69 -1.18 -5.76
CA VAL A 46 7.78 -0.41 -6.36
C VAL A 46 7.54 -0.35 -7.86
N CYS A 47 7.92 0.76 -8.50
CA CYS A 47 7.80 0.93 -9.94
C CYS A 47 8.82 1.94 -10.49
N ASN A 48 10.09 1.71 -10.18
CA ASN A 48 11.15 2.55 -10.68
C ASN A 48 11.62 2.02 -12.03
N VAL A 49 10.78 2.11 -13.04
CA VAL A 49 11.08 1.47 -14.33
C VAL A 49 11.82 2.41 -15.28
N MET A 50 11.93 3.68 -14.92
CA MET A 50 12.63 4.67 -15.74
C MET A 50 14.13 4.74 -15.46
N GLU A 51 14.50 4.64 -14.18
CA GLU A 51 15.86 4.90 -13.73
C GLU A 51 16.60 3.56 -13.72
N PRO A 52 17.89 3.53 -14.12
CA PRO A 52 18.62 2.26 -14.17
C PRO A 52 19.27 1.84 -12.85
N SER A 53 19.71 0.59 -12.79
CA SER A 53 20.45 0.02 -11.64
C SER A 53 19.66 -0.06 -10.34
N GLN A 54 18.38 -0.41 -10.43
CA GLN A 54 17.58 -0.56 -9.24
C GLN A 54 18.07 -1.76 -8.46
N ASN A 55 18.15 -1.57 -7.16
CA ASN A 55 18.52 -2.62 -6.23
C ASN A 55 17.77 -2.30 -4.96
N ASN A 56 16.47 -2.54 -5.02
CA ASN A 56 15.57 -2.20 -3.92
C ASN A 56 15.26 -3.43 -3.11
N TRP A 57 15.59 -3.37 -1.82
CA TRP A 57 15.43 -4.52 -0.94
C TRP A 57 14.33 -4.29 0.07
N LEU A 58 13.63 -5.38 0.38
CA LEU A 58 12.58 -5.42 1.37
C LEU A 58 12.72 -6.72 2.12
N ARG A 59 12.74 -6.62 3.43
CA ARG A 59 13.03 -7.72 4.33
C ARG A 59 11.90 -7.89 5.34
N THR A 60 11.39 -9.10 5.52
CA THR A 60 10.41 -9.32 6.59
C THR A 60 11.08 -9.20 7.95
N ASP A 61 10.27 -9.27 8.99
CA ASP A 61 10.78 -9.50 10.33
C ASP A 61 11.25 -10.96 10.46
N TRP A 62 11.78 -11.29 11.63
CA TRP A 62 12.22 -12.64 11.93
C TRP A 62 11.01 -13.58 12.02
N ILE A 63 11.11 -14.71 11.33
CA ILE A 63 10.02 -15.69 11.28
C ILE A 63 10.50 -16.94 11.93
N THR A 64 9.83 -17.37 13.00
CA THR A 64 10.19 -18.62 13.67
C THR A 64 9.78 -19.79 12.80
N ARG A 65 10.55 -20.86 12.84
CA ARG A 65 10.20 -22.08 12.10
C ARG A 65 9.49 -23.09 13.00
N GLU A 66 9.37 -22.71 14.28
CA GLU A 66 8.87 -23.57 15.33
C GLU A 66 9.61 -24.89 15.24
N GLY A 67 8.90 -25.96 14.90
CA GLY A 67 9.50 -27.28 14.75
C GLY A 67 9.56 -27.79 13.31
N ALA A 68 9.24 -26.92 12.35
CA ALA A 68 9.18 -27.32 10.95
C ALA A 68 10.57 -27.23 10.29
N GLN A 69 10.90 -28.21 9.45
CA GLN A 69 12.16 -28.21 8.66
C GLN A 69 11.96 -27.67 7.26
N ARG A 70 10.79 -27.93 6.71
CA ARG A 70 10.49 -27.59 5.33
C ARG A 70 9.40 -26.55 5.39
N VAL A 71 9.68 -25.34 4.88
CA VAL A 71 8.66 -24.31 4.87
C VAL A 71 8.40 -23.76 3.49
N TYR A 72 7.17 -23.30 3.30
CA TYR A 72 6.66 -22.80 2.02
C TYR A 72 6.36 -21.30 2.08
N ILE A 73 6.72 -20.62 1.00
CA ILE A 73 6.59 -19.18 0.90
C ILE A 73 5.65 -18.96 -0.28
N GLU A 74 4.43 -18.51 0.03
CA GLU A 74 3.42 -18.18 -0.99
C GLU A 74 3.39 -16.67 -1.20
N ILE A 75 3.71 -16.21 -2.41
CA ILE A 75 3.68 -14.78 -2.70
C ILE A 75 2.58 -14.50 -3.69
N LYS A 76 1.69 -13.56 -3.34
CA LYS A 76 0.67 -13.08 -4.27
C LYS A 76 0.98 -11.66 -4.63
N PHE A 77 0.97 -11.37 -5.94
CA PHE A 77 1.45 -10.10 -6.46
C PHE A 77 0.88 -9.80 -7.83
N THR A 78 0.86 -8.51 -8.17
CA THR A 78 0.57 -8.09 -9.52
C THR A 78 1.88 -7.57 -10.11
N LEU A 79 2.10 -7.83 -11.40
CA LEU A 79 3.31 -7.39 -12.05
C LEU A 79 2.93 -6.81 -13.40
N ARG A 80 3.38 -5.58 -13.67
CA ARG A 80 3.01 -4.89 -14.90
C ARG A 80 3.79 -5.35 -16.10
N ASP A 81 3.11 -5.49 -17.22
CA ASP A 81 3.75 -5.80 -18.49
C ASP A 81 4.52 -4.58 -18.94
N CYS A 82 5.83 -4.73 -19.12
CA CYS A 82 6.67 -3.64 -19.61
C CYS A 82 6.26 -3.06 -20.97
N ASN A 83 5.57 -3.85 -21.80
CA ASN A 83 4.98 -3.29 -23.04
C ASN A 83 3.75 -2.39 -22.81
N SER A 84 3.19 -2.40 -21.61
CA SER A 84 2.08 -1.49 -21.29
C SER A 84 2.59 -0.19 -20.71
N LEU A 85 3.90 0.00 -20.71
CA LEU A 85 4.56 1.17 -20.14
C LEU A 85 5.37 1.87 -21.25
N PRO A 86 5.09 3.15 -21.53
CA PRO A 86 5.82 3.88 -22.56
C PRO A 86 7.19 4.39 -22.11
N GLY A 87 8.18 4.34 -23.00
CA GLY A 87 9.48 4.98 -22.81
C GLY A 87 10.49 4.34 -21.84
N VAL A 88 10.35 3.03 -21.58
CA VAL A 88 11.17 2.37 -20.57
C VAL A 88 11.72 1.00 -21.02
N MET A 89 11.95 0.86 -22.31
CA MET A 89 12.37 -0.42 -22.90
C MET A 89 13.73 -0.91 -22.41
N GLY A 90 14.67 0.00 -22.23
CA GLY A 90 16.02 -0.39 -21.78
C GLY A 90 16.13 -0.75 -20.30
N THR A 91 15.11 -0.39 -19.53
CA THR A 91 15.19 -0.43 -18.08
C THR A 91 14.20 -1.38 -17.40
N CYS A 92 12.98 -1.49 -17.93
CA CYS A 92 11.89 -2.22 -17.29
C CYS A 92 12.12 -3.73 -17.25
N LYS A 93 11.88 -4.33 -16.09
CA LYS A 93 12.03 -5.77 -15.86
C LYS A 93 10.68 -6.38 -15.45
N GLU A 94 10.55 -7.69 -15.66
CA GLU A 94 9.31 -8.40 -15.36
C GLU A 94 9.53 -9.56 -14.38
N THR A 95 10.62 -9.47 -13.60
CA THR A 95 10.91 -10.43 -12.54
C THR A 95 11.40 -9.72 -11.27
N PHE A 96 11.36 -10.44 -10.16
CA PHE A 96 12.05 -10.03 -8.93
C PHE A 96 12.68 -11.26 -8.30
N ASN A 97 13.51 -11.05 -7.29
CA ASN A 97 14.26 -12.15 -6.68
C ASN A 97 13.86 -12.30 -5.23
N LEU A 98 13.71 -13.55 -4.79
CA LEU A 98 13.32 -13.88 -3.44
C LEU A 98 14.54 -14.46 -2.72
N TYR A 99 14.80 -14.03 -1.50
CA TYR A 99 15.92 -14.55 -0.74
C TYR A 99 15.46 -14.96 0.65
N TYR A 100 16.29 -15.75 1.34
CA TYR A 100 16.10 -16.04 2.76
C TYR A 100 17.42 -15.95 3.53
N TYR A 101 17.29 -15.83 4.84
CA TYR A 101 18.43 -15.89 5.71
C TYR A 101 18.07 -16.56 7.02
N GLU A 102 18.76 -17.65 7.36
CA GLU A 102 18.53 -18.34 8.63
C GLU A 102 19.24 -17.65 9.79
N SER A 103 18.55 -17.56 10.93
CA SER A 103 19.08 -16.86 12.07
C SER A 103 18.50 -17.35 13.41
N ASP A 104 19.39 -17.56 14.37
CA ASP A 104 18.97 -17.79 15.75
C ASP A 104 18.54 -16.49 16.44
N ASN A 105 18.96 -15.34 15.89
CA ASN A 105 18.73 -14.02 16.51
C ASN A 105 17.37 -13.40 16.16
N ASP A 106 16.54 -13.21 17.19
CA ASP A 106 15.15 -12.74 17.06
C ASP A 106 15.01 -11.32 16.52
N LYS A 107 16.05 -10.50 16.64
CA LYS A 107 15.84 -9.08 16.45
C LYS A 107 17.08 -8.34 15.96
N GLU A 108 17.66 -8.83 14.86
CA GLU A 108 18.74 -8.13 14.19
C GLU A 108 18.17 -6.89 13.48
N ARG A 109 18.72 -5.72 13.81
CA ARG A 109 18.20 -4.44 13.31
C ARG A 109 18.62 -4.23 11.86
N PHE A 110 19.88 -4.58 11.58
CA PHE A 110 20.38 -4.51 10.23
C PHE A 110 20.87 -5.89 9.80
N ILE A 111 20.33 -6.38 8.69
CA ILE A 111 20.88 -7.56 8.02
C ILE A 111 21.49 -7.10 6.69
N ARG A 112 22.76 -7.46 6.50
CA ARG A 112 23.51 -7.07 5.31
C ARG A 112 22.89 -7.79 4.11
N GLU A 113 22.71 -7.08 3.00
CA GLU A 113 22.09 -7.68 1.81
C GLU A 113 22.87 -8.91 1.32
N ASN A 114 24.18 -8.89 1.45
CA ASN A 114 25.06 -9.99 1.00
C ASN A 114 25.11 -11.24 1.92
N GLN A 115 24.46 -11.17 3.08
CA GLN A 115 24.18 -12.35 3.92
C GLN A 115 23.03 -13.22 3.38
N PHE A 116 22.15 -12.63 2.57
CA PHE A 116 20.97 -13.36 2.09
C PHE A 116 21.31 -14.37 1.00
N VAL A 117 20.67 -15.53 1.06
CA VAL A 117 20.82 -16.58 0.08
C VAL A 117 19.63 -16.53 -0.89
N LYS A 118 19.90 -16.51 -2.19
CA LYS A 118 18.85 -16.44 -3.20
C LYS A 118 18.07 -17.73 -3.24
N ILE A 119 16.75 -17.61 -3.28
CA ILE A 119 15.89 -18.78 -3.43
C ILE A 119 15.64 -18.98 -4.91
N ASP A 120 15.05 -17.97 -5.56
CA ASP A 120 14.76 -18.05 -6.98
C ASP A 120 14.47 -16.67 -7.56
N THR A 121 14.48 -16.58 -8.87
CA THR A 121 13.95 -15.41 -9.57
C THR A 121 12.47 -15.74 -9.76
N ILE A 122 11.59 -14.81 -9.38
CA ILE A 122 10.16 -15.03 -9.53
C ILE A 122 9.64 -14.25 -10.73
N ALA A 123 9.03 -14.98 -11.67
CA ALA A 123 8.36 -14.39 -12.83
C ALA A 123 6.84 -14.47 -12.63
N ALA A 124 6.10 -13.72 -13.45
CA ALA A 124 4.66 -13.67 -13.35
C ALA A 124 4.03 -14.54 -14.42
N ASP A 125 3.00 -15.30 -14.08
CA ASP A 125 2.22 -16.04 -15.08
C ASP A 125 1.35 -15.08 -15.91
N GLU A 126 0.78 -14.08 -15.25
CA GLU A 126 -0.06 -13.09 -15.93
C GLU A 126 0.35 -11.66 -15.59
N SER A 127 1.10 -11.04 -16.50
CA SER A 127 1.46 -9.63 -16.34
C SER A 127 0.22 -8.83 -16.69
N PHE A 128 -0.02 -7.72 -16.01
CA PHE A 128 -1.20 -6.90 -16.26
C PHE A 128 -0.88 -5.69 -17.16
N THR A 129 -1.89 -5.24 -17.88
CA THR A 129 -1.74 -4.16 -18.90
C THR A 129 -2.73 -3.04 -18.60
N GLN A 130 -2.84 -2.09 -19.51
CA GLN A 130 -3.73 -0.93 -19.35
C GLN A 130 -5.20 -1.29 -19.54
N VAL A 131 -5.47 -2.30 -20.36
CA VAL A 131 -6.82 -2.86 -20.44
C VAL A 131 -7.27 -3.31 -19.03
N ASP A 132 -6.39 -3.99 -18.30
CA ASP A 132 -6.69 -4.46 -16.95
C ASP A 132 -6.90 -3.31 -15.94
N ILE A 133 -6.06 -2.28 -16.01
CA ILE A 133 -6.25 -1.10 -15.15
C ILE A 133 -7.63 -0.47 -15.44
N GLY A 134 -7.92 -0.27 -16.73
CA GLY A 134 -9.22 0.24 -17.15
C GLY A 134 -10.39 -0.61 -16.67
N ASP A 135 -10.29 -1.92 -16.84
CA ASP A 135 -11.40 -2.84 -16.52
C ASP A 135 -11.41 -3.32 -15.08
N ARG A 136 -10.47 -2.86 -14.25
CA ARG A 136 -10.37 -3.28 -12.85
C ARG A 136 -10.24 -4.80 -12.70
N ILE A 137 -9.38 -5.40 -13.51
CA ILE A 137 -9.14 -6.83 -13.47
C ILE A 137 -7.79 -7.07 -12.80
N MET A 138 -7.81 -7.81 -11.70
CA MET A 138 -6.67 -7.87 -10.81
C MET A 138 -5.42 -8.54 -11.40
N LYS A 139 -5.61 -9.61 -12.17
CA LYS A 139 -4.50 -10.45 -12.64
C LYS A 139 -3.56 -10.81 -11.50
N LEU A 140 -4.12 -11.30 -10.40
CA LEU A 140 -3.31 -11.65 -9.24
C LEU A 140 -2.50 -12.91 -9.54
N ASN A 141 -1.19 -12.84 -9.37
CA ASN A 141 -0.34 -14.00 -9.49
C ASN A 141 -0.10 -14.63 -8.12
N THR A 142 -0.01 -15.95 -8.10
CA THR A 142 0.37 -16.69 -6.90
C THR A 142 1.59 -17.52 -7.24
N GLU A 143 2.67 -17.36 -6.49
CA GLU A 143 3.85 -18.19 -6.66
C GLU A 143 4.28 -18.76 -5.32
N ILE A 144 4.68 -20.03 -5.34
CA ILE A 144 5.12 -20.70 -4.12
C ILE A 144 6.54 -21.24 -4.30
N ARG A 145 7.38 -21.03 -3.29
CA ARG A 145 8.70 -21.64 -3.24
C ARG A 145 8.87 -22.27 -1.88
N ASP A 146 9.87 -23.12 -1.72
CA ASP A 146 10.07 -23.76 -0.44
C ASP A 146 11.52 -23.65 -0.07
N VAL A 147 11.79 -23.62 1.23
CA VAL A 147 13.13 -23.73 1.74
C VAL A 147 13.21 -24.87 2.76
N GLY A 148 14.39 -25.46 2.89
CA GLY A 148 14.58 -26.53 3.85
C GLY A 148 15.57 -27.51 3.32
N PRO A 149 16.14 -28.34 4.21
CA PRO A 149 15.85 -28.40 5.63
C PRO A 149 16.43 -27.23 6.42
N LEU A 150 15.58 -26.53 7.18
CA LEU A 150 16.05 -25.42 8.00
C LEU A 150 16.59 -25.95 9.33
N SER A 151 17.64 -25.29 9.84
CA SER A 151 18.30 -25.75 11.07
C SER A 151 18.49 -24.69 12.18
N LYS A 152 18.00 -23.46 12.00
CA LYS A 152 18.07 -22.46 13.05
C LYS A 152 16.68 -22.07 13.58
N LYS A 153 16.63 -21.31 14.66
CA LYS A 153 15.36 -21.00 15.32
C LYS A 153 14.34 -20.41 14.34
N GLY A 154 14.80 -19.53 13.46
CA GLY A 154 13.96 -18.93 12.45
C GLY A 154 14.76 -18.43 11.24
N PHE A 155 14.13 -17.55 10.47
CA PHE A 155 14.73 -17.00 9.27
C PHE A 155 14.12 -15.66 8.91
N TYR A 156 14.81 -14.90 8.07
CA TYR A 156 14.28 -13.70 7.46
C TYR A 156 14.07 -13.98 5.99
N LEU A 157 13.06 -13.35 5.39
CA LEU A 157 12.88 -13.40 3.93
C LEU A 157 13.09 -12.00 3.37
N ALA A 158 13.55 -11.92 2.13
CA ALA A 158 13.76 -10.64 1.49
C ALA A 158 13.35 -10.72 0.03
N PHE A 159 13.05 -9.55 -0.52
CA PHE A 159 12.60 -9.39 -1.89
C PHE A 159 13.45 -8.30 -2.53
N GLN A 160 14.04 -8.61 -3.66
CA GLN A 160 14.89 -7.68 -4.35
C GLN A 160 14.22 -7.34 -5.66
N ASP A 161 13.90 -6.05 -5.80
CA ASP A 161 13.44 -5.47 -7.05
C ASP A 161 14.64 -4.93 -7.82
N VAL A 162 14.69 -5.24 -9.12
CA VAL A 162 15.78 -4.79 -10.01
C VAL A 162 15.28 -3.89 -11.18
N GLY A 163 14.05 -3.38 -11.05
CA GLY A 163 13.47 -2.45 -12.04
C GLY A 163 12.13 -2.89 -12.63
N ALA A 164 11.32 -3.52 -11.81
CA ALA A 164 10.02 -4.00 -12.22
C ALA A 164 8.97 -3.07 -11.68
N CYS A 165 7.74 -3.28 -12.12
CA CYS A 165 6.61 -2.51 -11.65
C CYS A 165 5.71 -3.54 -10.98
N ILE A 166 5.85 -3.67 -9.67
CA ILE A 166 5.38 -4.86 -8.97
C ILE A 166 4.70 -4.47 -7.69
N ALA A 167 3.57 -5.09 -7.38
CA ALA A 167 2.93 -4.89 -6.08
C ALA A 167 2.88 -6.23 -5.36
N LEU A 168 3.53 -6.34 -4.21
CA LEU A 168 3.40 -7.52 -3.37
C LEU A 168 2.14 -7.41 -2.54
N VAL A 169 1.09 -8.11 -2.95
CA VAL A 169 -0.20 -8.00 -2.30
C VAL A 169 -0.24 -8.79 -1.01
N SER A 170 0.30 -10.01 -1.04
CA SER A 170 0.44 -10.77 0.21
C SER A 170 1.58 -11.80 0.24
N VAL A 171 2.01 -12.08 1.46
CA VAL A 171 3.05 -13.05 1.73
C VAL A 171 2.57 -13.94 2.85
N ARG A 172 2.54 -15.25 2.58
CA ARG A 172 2.16 -16.23 3.57
C ARG A 172 3.24 -17.32 3.66
N VAL A 173 3.70 -17.58 4.88
CA VAL A 173 4.75 -18.57 5.13
C VAL A 173 4.16 -19.63 6.01
N PHE A 174 4.28 -20.89 5.59
CA PHE A 174 3.61 -22.01 6.31
C PHE A 174 4.42 -23.30 6.21
N TYR A 175 4.02 -24.27 7.04
CA TYR A 175 4.54 -25.62 6.94
C TYR A 175 3.40 -26.59 6.71
N LYS A 176 3.72 -27.76 6.17
CA LYS A 176 2.70 -28.76 5.84
C LYS A 176 2.58 -29.78 6.96
N ARG A 177 1.35 -30.19 7.21
CA ARG A 177 1.03 -31.11 8.28
C ARG A 177 1.39 -32.53 7.87
N ASN B 4 13.55 14.00 -4.61
CA ASN B 4 12.88 15.18 -5.25
C ASN B 4 11.37 15.28 -4.94
N SER B 5 10.77 14.17 -4.51
CA SER B 5 9.37 14.15 -4.09
C SER B 5 9.22 14.99 -2.84
N ASP B 6 8.00 15.44 -2.60
CA ASP B 6 7.64 15.87 -1.26
C ASP B 6 6.22 15.47 -0.88
N ARG B 7 5.95 15.56 0.42
CA ARG B 7 4.73 15.05 1.00
C ARG B 7 3.91 16.17 1.54
N TYR B 8 2.60 16.06 1.35
CA TYR B 8 1.66 17.02 1.89
C TYR B 8 0.83 16.30 2.93
N ALA B 9 0.83 16.82 4.14
CA ALA B 9 0.06 16.24 5.24
C ALA B 9 -1.39 16.70 5.14
N VAL B 10 -2.33 15.78 5.32
CA VAL B 10 -3.76 16.12 5.35
C VAL B 10 -4.35 15.52 6.62
N TYR B 11 -4.64 16.37 7.60
CA TYR B 11 -5.29 15.92 8.82
C TYR B 11 -6.80 15.90 8.58
N TRP B 12 -7.33 14.71 8.37
CA TRP B 12 -8.71 14.53 8.00
C TRP B 12 -9.60 14.57 9.24
N ASN B 13 -9.99 15.78 9.62
CA ASN B 13 -10.95 15.96 10.67
C ASN B 13 -11.61 17.33 10.58
N ARG B 14 -12.78 17.46 11.19
CA ARG B 14 -13.60 18.67 11.12
C ARG B 14 -13.01 19.94 11.71
N SER B 15 -12.05 19.81 12.61
CA SER B 15 -11.45 21.01 13.24
C SER B 15 -10.43 21.67 12.34
N ASN B 16 -9.93 20.93 11.35
CA ASN B 16 -8.95 21.44 10.40
C ASN B 16 -9.63 22.48 9.49
N PRO B 17 -9.29 23.77 9.66
CA PRO B 17 -9.97 24.83 8.91
C PRO B 17 -9.74 24.78 7.39
N ARG B 18 -8.80 23.94 6.95
CA ARG B 18 -8.56 23.82 5.53
C ARG B 18 -9.68 23.06 4.82
N PHE B 19 -10.45 22.27 5.55
CA PHE B 19 -11.69 21.69 5.00
C PHE B 19 -12.82 22.70 4.95
N HIS B 20 -12.71 23.77 5.72
CA HIS B 20 -13.69 24.85 5.76
C HIS B 20 -15.07 24.35 6.25
N ALA B 21 -15.03 23.52 7.29
CA ALA B 21 -16.25 23.00 7.93
C ALA B 21 -16.76 23.98 9.00
N GLY B 22 -17.83 23.57 9.69
CA GLY B 22 -18.38 24.31 10.83
C GLY B 22 -19.15 25.57 10.48
N ALA B 23 -19.32 25.83 9.18
CA ALA B 23 -19.90 27.09 8.71
C ALA B 23 -21.20 26.94 7.91
N GLY B 24 -21.55 25.70 7.51
CA GLY B 24 -22.70 25.48 6.61
C GLY B 24 -22.36 25.71 5.15
N ASP B 25 -21.07 25.99 4.89
CA ASP B 25 -20.56 26.23 3.54
C ASP B 25 -19.04 26.13 3.54
N ASP B 26 -18.56 24.95 3.13
CA ASP B 26 -17.13 24.68 2.97
C ASP B 26 -16.65 25.17 1.60
N GLY B 27 -17.59 25.61 0.76
CA GLY B 27 -17.29 26.25 -0.51
C GLY B 27 -16.38 25.51 -1.46
N GLY B 28 -16.45 24.18 -1.43
CA GLY B 28 -15.60 23.33 -2.25
C GLY B 28 -14.79 22.36 -1.42
N GLY B 29 -14.60 22.70 -0.14
CA GLY B 29 -13.81 21.87 0.78
C GLY B 29 -12.32 22.14 0.68
N TYR B 30 -11.53 21.07 0.89
CA TYR B 30 -10.08 21.16 0.98
C TYR B 30 -9.50 21.14 -0.44
N THR B 31 -8.52 22.01 -0.67
CA THR B 31 -7.85 22.10 -1.96
C THR B 31 -6.34 22.07 -1.74
N VAL B 32 -5.67 21.11 -2.36
CA VAL B 32 -4.21 21.04 -2.29
C VAL B 32 -3.66 20.81 -3.69
N GLU B 33 -2.52 21.45 -3.96
CA GLU B 33 -1.85 21.36 -5.24
C GLU B 33 -0.57 20.53 -5.07
N VAL B 34 -0.39 19.51 -5.90
CA VAL B 34 0.78 18.61 -5.83
C VAL B 34 1.37 18.39 -7.21
N SER B 35 2.59 17.85 -7.24
CA SER B 35 3.25 17.43 -8.45
C SER B 35 3.24 15.91 -8.57
N ILE B 36 3.44 15.41 -9.79
CA ILE B 36 3.58 13.98 -10.04
C ILE B 36 4.73 13.42 -9.19
N ASN B 37 4.50 12.25 -8.61
CA ASN B 37 5.43 11.57 -7.67
C ASN B 37 5.52 12.21 -6.30
N ASP B 38 4.65 13.19 -6.03
CA ASP B 38 4.45 13.66 -4.67
C ASP B 38 3.50 12.73 -3.93
N TYR B 39 3.42 12.92 -2.61
CA TYR B 39 2.55 12.13 -1.76
C TYR B 39 1.59 13.00 -0.97
N LEU B 40 0.46 12.38 -0.66
CA LEU B 40 -0.47 12.85 0.33
C LEU B 40 -0.32 11.87 1.48
N ASP B 41 -0.03 12.38 2.68
CA ASP B 41 -0.16 11.61 3.90
C ASP B 41 -1.43 12.07 4.61
N ILE B 42 -2.40 11.16 4.70
CA ILE B 42 -3.67 11.43 5.34
C ILE B 42 -3.71 10.87 6.77
N TYR B 43 -3.82 11.76 7.75
CA TYR B 43 -3.93 11.36 9.16
C TYR B 43 -5.37 11.36 9.66
N CYS B 44 -5.82 10.18 10.06
CA CYS B 44 -7.16 10.00 10.59
C CYS B 44 -7.30 10.74 11.89
N PRO B 45 -8.55 11.09 12.27
CA PRO B 45 -8.78 11.72 13.54
C PRO B 45 -8.20 10.85 14.64
N HIS B 46 -7.52 11.47 15.60
CA HIS B 46 -6.93 10.72 16.71
C HIS B 46 -7.18 11.37 18.06
N TYR B 47 -7.35 10.53 19.08
CA TYR B 47 -7.62 11.01 20.43
C TYR B 47 -6.71 10.33 21.44
N GLY B 48 -6.08 11.14 22.29
CA GLY B 48 -5.22 10.65 23.36
C GLY B 48 -5.99 10.59 24.66
N ALA B 49 -5.35 10.01 25.69
CA ALA B 49 -5.93 9.99 27.03
C ALA B 49 -5.89 11.40 27.61
N PRO B 50 -6.97 11.84 28.28
CA PRO B 50 -8.20 11.11 28.57
C PRO B 50 -9.13 11.13 27.37
N LEU B 51 -9.51 9.94 26.90
CA LEU B 51 -10.36 9.79 25.73
C LEU B 51 -11.69 10.50 25.91
N PRO B 52 -12.22 11.09 24.83
CA PRO B 52 -13.60 11.54 24.91
C PRO B 52 -14.54 10.35 24.82
N PRO B 53 -15.83 10.56 25.07
CA PRO B 53 -16.81 9.49 24.93
C PRO B 53 -16.74 8.87 23.54
N ALA B 54 -16.80 7.54 23.47
CA ALA B 54 -16.55 6.83 22.22
C ALA B 54 -17.39 7.33 21.04
N GLU B 55 -18.64 7.71 21.33
CA GLU B 55 -19.57 8.17 20.30
C GLU B 55 -19.14 9.49 19.65
N ARG B 56 -18.34 10.28 20.37
CA ARG B 56 -17.93 11.60 19.88
C ARG B 56 -16.65 11.60 19.06
N MET B 57 -15.98 10.45 18.97
CA MET B 57 -14.76 10.37 18.19
C MET B 57 -15.08 10.30 16.71
N GLU B 58 -14.46 11.17 15.93
CA GLU B 58 -14.65 11.16 14.48
C GLU B 58 -14.02 9.89 13.93
N HIS B 59 -14.75 9.23 13.05
CA HIS B 59 -14.27 8.05 12.36
C HIS B 59 -14.91 8.06 10.99
N TYR B 60 -14.15 7.63 9.97
CA TYR B 60 -14.57 7.75 8.58
C TYR B 60 -14.17 6.61 7.70
N VAL B 61 -14.88 6.50 6.58
CA VAL B 61 -14.40 5.78 5.41
C VAL B 61 -14.08 6.85 4.39
N LEU B 62 -12.90 6.79 3.78
CA LEU B 62 -12.53 7.74 2.73
C LEU B 62 -12.66 7.07 1.37
N TYR B 63 -13.25 7.82 0.44
CA TYR B 63 -13.55 7.35 -0.92
C TYR B 63 -12.87 8.25 -1.91
N MET B 64 -12.41 7.67 -3.02
CA MET B 64 -11.98 8.48 -4.16
C MET B 64 -13.12 8.47 -5.15
N VAL B 65 -13.54 9.67 -5.56
CA VAL B 65 -14.72 9.85 -6.36
C VAL B 65 -14.45 10.75 -7.54
N ASN B 66 -15.41 10.79 -8.47
CA ASN B 66 -15.38 11.78 -9.54
C ASN B 66 -15.97 13.12 -9.05
N GLY B 67 -16.02 14.11 -9.94
CA GLY B 67 -16.46 15.45 -9.59
C GLY B 67 -17.87 15.47 -9.04
N GLU B 68 -18.69 14.58 -9.58
CA GLU B 68 -20.07 14.48 -9.20
C GLU B 68 -20.20 13.95 -7.76
N GLY B 69 -19.38 12.95 -7.43
CA GLY B 69 -19.32 12.41 -6.10
C GLY B 69 -18.86 13.46 -5.12
N HIS B 70 -17.85 14.21 -5.53
CA HIS B 70 -17.32 15.31 -4.74
C HIS B 70 -18.38 16.38 -4.50
N ALA B 71 -19.10 16.78 -5.54
CA ALA B 71 -20.08 17.86 -5.36
C ALA B 71 -21.21 17.43 -4.44
N SER B 72 -21.56 16.15 -4.53
CA SER B 72 -22.77 15.65 -3.87
C SER B 72 -22.50 14.99 -2.53
N CYS B 73 -21.23 14.74 -2.20
CA CYS B 73 -20.84 14.08 -0.95
C CYS B 73 -21.29 12.62 -0.86
N ASP B 74 -21.73 12.09 -2.00
CA ASP B 74 -22.32 10.76 -2.08
C ASP B 74 -21.42 9.91 -2.97
N HIS B 75 -20.77 8.93 -2.35
CA HIS B 75 -19.83 8.07 -3.06
C HIS B 75 -20.50 7.02 -3.95
N ARG B 76 -21.75 6.70 -3.67
CA ARG B 76 -22.40 5.55 -4.28
C ARG B 76 -22.40 5.62 -5.83
N GLN B 77 -21.89 4.56 -6.46
CA GLN B 77 -21.80 4.46 -7.92
C GLN B 77 -20.94 5.60 -8.53
N ARG B 78 -20.10 6.21 -7.69
CA ARG B 78 -19.32 7.39 -8.11
C ARG B 78 -17.85 7.32 -7.73
N GLY B 79 -17.37 6.15 -7.33
CA GLY B 79 -16.02 6.06 -6.84
C GLY B 79 -15.69 4.80 -6.07
N PHE B 80 -14.51 4.81 -5.47
CA PHE B 80 -13.90 3.65 -4.86
C PHE B 80 -13.58 3.89 -3.39
N LYS B 81 -13.92 2.92 -2.57
CA LYS B 81 -13.54 2.92 -1.17
C LYS B 81 -12.02 2.82 -1.12
N ARG B 82 -11.38 3.75 -0.41
CA ARG B 82 -9.93 3.75 -0.32
C ARG B 82 -9.42 3.34 1.04
N TRP B 83 -9.86 4.04 2.09
CA TRP B 83 -9.24 3.92 3.42
C TRP B 83 -10.28 4.00 4.54
N GLU B 84 -10.02 3.24 5.61
CA GLU B 84 -10.90 3.22 6.77
C GLU B 84 -10.23 3.86 7.99
N CYS B 85 -10.76 5.02 8.40
CA CYS B 85 -10.34 5.65 9.66
C CYS B 85 -11.22 5.08 10.79
N ASN B 86 -10.90 3.84 11.18
CA ASN B 86 -11.72 3.10 12.15
C ASN B 86 -11.03 2.85 13.50
N ARG B 87 -9.98 3.60 13.83
CA ARG B 87 -9.31 3.45 15.13
C ARG B 87 -8.90 4.82 15.67
N PRO B 88 -9.88 5.65 16.04
CA PRO B 88 -9.59 6.97 16.57
C PRO B 88 -8.79 6.97 17.88
N ALA B 89 -8.79 5.84 18.59
CA ALA B 89 -8.03 5.67 19.85
C ALA B 89 -6.84 4.74 19.70
N ALA B 90 -6.38 4.53 18.47
CA ALA B 90 -5.20 3.69 18.23
C ALA B 90 -4.07 4.15 19.15
N PRO B 91 -3.52 3.23 19.95
CA PRO B 91 -2.41 3.58 20.86
C PRO B 91 -1.14 4.09 20.18
N GLY B 92 -0.85 3.60 18.98
CA GLY B 92 0.37 4.01 18.26
C GLY B 92 0.42 5.45 17.76
N GLY B 93 -0.73 6.12 17.72
CA GLY B 93 -0.85 7.43 17.08
C GLY B 93 -1.92 7.39 15.99
N PRO B 94 -2.07 8.50 15.26
CA PRO B 94 -3.07 8.57 14.20
C PRO B 94 -2.81 7.53 13.10
N LEU B 95 -3.86 6.83 12.66
CA LEU B 95 -3.76 6.04 11.44
C LEU B 95 -3.36 7.00 10.31
N LYS B 96 -2.40 6.54 9.51
CA LYS B 96 -1.79 7.31 8.46
C LYS B 96 -1.97 6.51 7.19
N PHE B 97 -2.44 7.18 6.14
CA PHE B 97 -2.59 6.57 4.83
C PHE B 97 -1.94 7.47 3.80
N SER B 98 -1.21 6.86 2.87
CA SER B 98 -0.46 7.61 1.88
C SER B 98 -0.95 7.33 0.48
N GLU B 99 -0.93 8.37 -0.34
CA GLU B 99 -1.37 8.30 -1.71
C GLU B 99 -0.22 8.86 -2.51
N LYS B 100 0.40 8.03 -3.37
CA LYS B 100 1.42 8.56 -4.26
C LYS B 100 0.79 8.93 -5.59
N PHE B 101 1.11 10.13 -6.08
CA PHE B 101 0.57 10.63 -7.34
C PHE B 101 1.42 10.19 -8.53
N GLN B 102 1.53 8.88 -8.67
CA GLN B 102 2.36 8.23 -9.67
C GLN B 102 1.72 8.28 -11.06
N LEU B 103 2.56 8.33 -12.09
CA LEU B 103 2.10 8.16 -13.48
C LEU B 103 1.61 6.76 -13.73
N PHE B 104 2.37 5.78 -13.23
CA PHE B 104 2.13 4.38 -13.53
C PHE B 104 1.94 3.55 -12.25
N THR B 105 0.92 2.69 -12.23
CA THR B 105 0.64 1.88 -11.04
C THR B 105 1.23 0.49 -11.21
N PRO B 106 1.88 -0.03 -10.15
CA PRO B 106 2.39 -1.39 -10.10
C PRO B 106 1.33 -2.40 -9.66
N PHE B 107 0.21 -1.87 -9.17
CA PHE B 107 -0.93 -2.64 -8.71
C PHE B 107 -2.07 -2.45 -9.69
N SER B 108 -2.63 -3.55 -10.15
CA SER B 108 -3.64 -3.52 -11.21
C SER B 108 -4.87 -2.73 -10.80
N LEU B 109 -5.24 -2.76 -9.53
CA LEU B 109 -6.38 -1.99 -8.99
C LEU B 109 -5.94 -0.72 -8.26
N GLY B 110 -4.73 -0.25 -8.53
CA GLY B 110 -4.25 1.01 -7.97
C GLY B 110 -4.65 2.12 -8.90
N PHE B 111 -4.10 3.32 -8.69
CA PHE B 111 -4.60 4.50 -9.37
C PHE B 111 -3.46 5.25 -9.99
N GLU B 112 -3.75 5.87 -11.13
CA GLU B 112 -2.76 6.64 -11.88
C GLU B 112 -3.15 8.08 -11.97
N PHE B 113 -2.17 8.95 -12.12
CA PHE B 113 -2.37 10.39 -12.11
C PHE B 113 -1.66 11.07 -13.27
N ARG B 114 -2.17 12.24 -13.67
CA ARG B 114 -1.67 12.96 -14.84
C ARG B 114 -1.56 14.45 -14.55
N PRO B 115 -0.50 15.09 -15.04
CA PRO B 115 -0.36 16.54 -14.87
C PRO B 115 -1.59 17.28 -15.36
N GLY B 116 -1.97 18.33 -14.62
CA GLY B 116 -3.03 19.22 -15.06
C GLY B 116 -4.43 18.74 -14.77
N HIS B 117 -4.54 17.58 -14.12
CA HIS B 117 -5.80 16.93 -13.82
C HIS B 117 -6.19 17.13 -12.34
N GLU B 118 -7.47 16.88 -12.04
CA GLU B 118 -8.05 17.02 -10.71
C GLU B 118 -8.52 15.67 -10.21
N TYR B 119 -8.40 15.46 -8.91
CA TYR B 119 -8.85 14.22 -8.26
C TYR B 119 -9.54 14.57 -6.97
N TYR B 120 -10.50 13.73 -6.58
CA TYR B 120 -11.40 14.08 -5.49
C TYR B 120 -11.57 12.93 -4.50
N TYR B 121 -11.65 13.29 -3.22
CA TYR B 121 -11.86 12.34 -2.13
C TYR B 121 -12.92 12.89 -1.17
N ILE B 122 -13.73 12.01 -0.62
CA ILE B 122 -14.73 12.43 0.38
C ILE B 122 -14.77 11.43 1.50
N SER B 123 -15.38 11.81 2.62
CA SER B 123 -15.60 10.91 3.71
C SER B 123 -17.07 10.74 4.03
N ALA B 124 -17.42 9.54 4.49
CA ALA B 124 -18.71 9.24 5.10
C ALA B 124 -18.45 8.68 6.51
N THR B 125 -19.41 8.89 7.41
CA THR B 125 -19.31 8.43 8.77
C THR B 125 -20.18 7.18 8.95
N PRO B 126 -19.56 6.00 9.10
CA PRO B 126 -20.39 4.82 9.32
C PRO B 126 -21.25 5.01 10.54
N PRO B 127 -22.46 4.42 10.55
CA PRO B 127 -23.09 3.55 9.54
C PRO B 127 -23.84 4.31 8.45
N ASN B 128 -23.51 5.58 8.25
CA ASN B 128 -24.21 6.37 7.26
C ASN B 128 -23.47 6.31 5.96
N ALA B 129 -24.19 6.23 4.85
CA ALA B 129 -23.56 6.18 3.54
C ALA B 129 -23.09 7.57 3.10
N VAL B 130 -23.82 8.61 3.49
CA VAL B 130 -23.52 10.00 3.11
C VAL B 130 -23.49 10.92 4.33
N ASP B 131 -22.43 11.72 4.44
CA ASP B 131 -22.39 12.83 5.39
C ASP B 131 -22.88 14.08 4.65
N ARG B 132 -23.70 14.89 5.33
CA ARG B 132 -24.22 16.11 4.77
C ARG B 132 -24.14 17.17 5.86
N PRO B 133 -23.15 18.06 5.79
CA PRO B 133 -22.09 18.17 4.80
C PRO B 133 -20.94 17.23 5.09
N CYS B 134 -20.33 16.67 4.06
CA CYS B 134 -19.18 15.82 4.19
C CYS B 134 -17.89 16.64 4.17
N LEU B 135 -16.79 16.03 4.57
CA LEU B 135 -15.46 16.62 4.43
C LEU B 135 -14.98 16.13 3.07
N ARG B 136 -14.36 17.00 2.30
CA ARG B 136 -13.95 16.63 0.97
C ARG B 136 -12.65 17.32 0.55
N LEU B 137 -11.98 16.68 -0.40
CA LEU B 137 -10.63 17.08 -0.79
C LEU B 137 -10.57 17.08 -2.28
N LYS B 138 -10.08 18.18 -2.86
CA LYS B 138 -9.75 18.26 -4.27
C LYS B 138 -8.23 18.32 -4.37
N VAL B 139 -7.63 17.42 -5.15
CA VAL B 139 -6.21 17.47 -5.42
C VAL B 139 -5.98 17.89 -6.86
N TYR B 140 -5.19 18.95 -7.06
CA TYR B 140 -4.80 19.40 -8.38
C TYR B 140 -3.32 19.05 -8.65
N VAL B 141 -3.09 18.23 -9.66
CA VAL B 141 -1.74 17.84 -10.05
C VAL B 141 -1.23 18.88 -11.03
N ARG B 142 -0.16 19.59 -10.67
CA ARG B 142 0.37 20.67 -11.50
C ARG B 142 0.68 20.19 -12.92
N PRO B 143 0.52 21.07 -13.92
CA PRO B 143 0.97 20.75 -15.26
C PRO B 143 2.47 20.60 -15.30
N THR B 144 2.96 19.76 -16.18
CA THR B 144 4.38 19.55 -16.35
C THR B 144 5.03 20.90 -16.63
N GLN B 145 5.94 21.29 -15.75
CA GLN B 145 6.76 22.52 -15.86
C GLN B 145 7.53 22.76 -14.56
#